data_5AYA
#
_entry.id   5AYA
#
_cell.length_a   68.097
_cell.length_b   68.097
_cell.length_c   49.110
_cell.angle_alpha   90.00
_cell.angle_beta   90.00
_cell.angle_gamma   120.00
#
_symmetry.space_group_name_H-M   'P 31'
#
loop_
_entity.id
_entity.type
_entity.pdbx_description
1 polymer Metallo-beta-lactamase
2 non-polymer 'ZINC ION'
3 non-polymer 'SODIUM ION'
4 non-polymer 'SULFATE ION'
5 non-polymer L-CAPTOPRIL
6 water water
#
_entity_poly.entity_id   1
_entity_poly.type   'polypeptide(L)'
_entity_poly.pdbx_seq_one_letter_code
;QDRDWSSPQQPFTIYGNTHYVGTGGISAVLLSSPQGHILVDGTTEKGAQVVAANIRAMGFKLSDVKYILSTHSHEDHAGG
ISAMQKLTGATVLAGAANVDTLRTGVSPKSDPQFGSLSNFPGSAKVRAVADGELVKLGPLAVKAHATPGHTEGGITWTWQ
SCEQGKCKDVVFADSLTAVSADSYRFSDHPEVVASLRGSFEAVEKLSCDIAIAAHPEVNDMWTRQQRAAKEGNSAYVDNG
ACRAIAAAGRKRLETRLASEKR
;
_entity_poly.pdbx_strand_id   A
#
# COMPACT_ATOMS: atom_id res chain seq x y z
N ARG A 3 -2.74 18.41 0.50
CA ARG A 3 -2.71 16.94 0.73
C ARG A 3 -1.28 16.45 0.95
N ASP A 4 -0.72 16.80 2.10
CA ASP A 4 0.60 16.33 2.49
C ASP A 4 0.51 14.95 3.14
N TRP A 5 1.63 14.27 3.17
CA TRP A 5 1.67 12.86 3.49
C TRP A 5 1.24 12.58 4.95
N SER A 6 1.33 13.58 5.81
CA SER A 6 1.09 13.38 7.23
C SER A 6 -0.21 14.04 7.68
N SER A 7 -0.95 14.60 6.71
CA SER A 7 -2.10 15.46 6.99
C SER A 7 -3.34 14.70 7.54
N PRO A 8 -4.33 15.44 8.06
CA PRO A 8 -5.55 14.78 8.49
C PRO A 8 -6.52 14.51 7.34
N GLN A 9 -7.38 13.51 7.51
CA GLN A 9 -8.26 13.07 6.44
C GLN A 9 -9.39 12.26 7.05
N GLN A 10 -10.60 12.76 6.83
CA GLN A 10 -11.82 12.12 7.30
C GLN A 10 -11.93 10.71 6.68
N PRO A 11 -11.99 9.65 7.52
CA PRO A 11 -12.01 8.30 6.95
C PRO A 11 -13.37 8.02 6.32
N PHE A 12 -13.39 7.08 5.39
CA PHE A 12 -14.63 6.76 4.67
C PHE A 12 -14.61 5.33 4.17
N THR A 13 -15.79 4.76 4.01
CA THR A 13 -15.90 3.47 3.39
C THR A 13 -15.75 3.58 1.88
N ILE A 14 -14.91 2.72 1.33
CA ILE A 14 -14.75 2.59 -0.10
C ILE A 14 -15.69 1.54 -0.68
N TYR A 15 -15.76 0.38 -0.02
CA TYR A 15 -16.68 -0.70 -0.46
C TYR A 15 -16.81 -1.74 0.63
N GLY A 16 -18.02 -1.93 1.15
CA GLY A 16 -18.25 -3.02 2.10
C GLY A 16 -17.48 -2.75 3.38
N ASN A 17 -16.60 -3.70 3.72
CA ASN A 17 -15.74 -3.63 4.91
C ASN A 17 -14.34 -3.05 4.59
N THR A 18 -14.18 -2.51 3.39
CA THR A 18 -12.97 -1.77 3.00
C THR A 18 -13.13 -0.26 3.25
N HIS A 19 -12.29 0.28 4.11
CA HIS A 19 -12.42 1.68 4.56
C HIS A 19 -11.09 2.38 4.40
N TYR A 20 -11.15 3.65 4.01
CA TYR A 20 -9.95 4.49 3.94
C TYR A 20 -9.73 5.14 5.30
N VAL A 21 -8.53 4.96 5.85
CA VAL A 21 -8.18 5.50 7.16
C VAL A 21 -6.81 6.18 7.17
N GLY A 22 -6.40 6.66 6.02
CA GLY A 22 -5.07 7.22 5.84
C GLY A 22 -5.09 8.72 5.99
N THR A 23 -4.01 9.34 5.55
CA THR A 23 -3.87 10.79 5.52
C THR A 23 -4.34 11.28 4.17
N GLY A 24 -4.24 12.60 4.00
CA GLY A 24 -4.67 13.27 2.78
C GLY A 24 -3.88 12.93 1.53
N GLY A 25 -2.62 12.54 1.71
CA GLY A 25 -1.76 12.23 0.55
C GLY A 25 -1.27 10.79 0.41
N ILE A 26 -1.47 9.95 1.42
CA ILE A 26 -1.05 8.54 1.34
C ILE A 26 -2.18 7.61 1.77
N SER A 27 -2.40 6.54 1.02
CA SER A 27 -3.48 5.58 1.34
C SER A 27 -3.10 4.71 2.52
N ALA A 28 -4.06 4.55 3.44
CA ALA A 28 -4.14 3.38 4.31
C ALA A 28 -5.58 2.90 4.36
N VAL A 29 -5.72 1.60 4.49
CA VAL A 29 -7.01 1.00 4.37
C VAL A 29 -7.14 0.09 5.54
N LEU A 30 -8.32 0.15 6.17
CA LEU A 30 -8.70 -0.81 7.17
C LEU A 30 -9.72 -1.78 6.59
N LEU A 31 -9.47 -3.06 6.80
CA LEU A 31 -10.35 -4.09 6.34
C LEU A 31 -10.91 -4.71 7.60
N SER A 32 -12.19 -4.43 7.85
CA SER A 32 -12.76 -4.68 9.17
C SER A 32 -13.55 -5.98 9.22
N SER A 33 -13.56 -6.63 10.38
CA SER A 33 -14.46 -7.74 10.66
C SER A 33 -14.75 -7.76 12.14
N PRO A 34 -15.84 -8.44 12.55
CA PRO A 34 -16.13 -8.74 13.96
C PRO A 34 -15.02 -9.49 14.68
N GLN A 35 -14.17 -10.18 13.91
CA GLN A 35 -13.19 -11.07 14.47
C GLN A 35 -11.80 -10.44 14.36
N GLY A 36 -11.78 -9.13 14.13
CA GLY A 36 -10.53 -8.35 14.03
C GLY A 36 -10.33 -7.63 12.69
N HIS A 37 -9.40 -6.67 12.66
CA HIS A 37 -9.19 -5.85 11.49
C HIS A 37 -7.77 -6.00 10.96
N ILE A 38 -7.63 -5.75 9.66
CA ILE A 38 -6.35 -5.63 9.02
C ILE A 38 -6.14 -4.22 8.53
N LEU A 39 -4.97 -3.68 8.83
CA LEU A 39 -4.58 -2.37 8.31
C LEU A 39 -3.53 -2.51 7.21
N VAL A 40 -3.72 -1.79 6.12
CA VAL A 40 -2.74 -1.77 5.09
C VAL A 40 -2.00 -0.46 5.14
N ASP A 41 -0.70 -0.56 5.44
CA ASP A 41 0.20 0.58 5.50
C ASP A 41 -0.05 1.46 6.73
N GLY A 42 0.98 2.15 7.17
CA GLY A 42 0.91 2.96 8.39
C GLY A 42 1.05 4.45 8.13
N THR A 43 1.24 4.82 6.87
CA THR A 43 1.59 6.19 6.50
C THR A 43 2.92 6.68 7.16
N THR A 44 3.14 8.00 7.24
CA THR A 44 4.37 8.58 7.83
C THR A 44 4.44 8.29 9.32
N GLU A 45 5.54 8.71 9.96
CA GLU A 45 5.70 8.56 11.39
C GLU A 45 4.66 9.35 12.19
N LYS A 46 4.33 10.54 11.73
CA LYS A 46 3.33 11.37 12.42
C LYS A 46 1.91 11.04 11.96
N GLY A 47 1.79 10.48 10.75
CA GLY A 47 0.54 9.89 10.30
C GLY A 47 -0.03 8.90 11.29
N ALA A 48 0.81 8.08 11.90
CA ALA A 48 0.33 7.11 12.90
C ALA A 48 -0.70 7.72 13.87
N GLN A 49 -0.48 8.98 14.25
CA GLN A 49 -1.46 9.76 15.04
C GLN A 49 -2.81 9.77 14.33
N VAL A 50 -2.78 10.23 13.08
CA VAL A 50 -3.96 10.35 12.24
C VAL A 50 -4.69 8.99 12.00
N VAL A 51 -3.92 7.95 11.66
CA VAL A 51 -4.53 6.70 11.22
C VAL A 51 -5.28 6.11 12.40
N ALA A 52 -4.71 6.28 13.59
CA ALA A 52 -5.24 5.67 14.80
C ALA A 52 -6.52 6.38 15.23
N ALA A 53 -6.62 7.66 14.92
CA ALA A 53 -7.80 8.48 15.20
C ALA A 53 -8.97 8.02 14.33
N ASN A 54 -8.72 8.00 13.03
CA ASN A 54 -9.67 7.46 12.05
C ASN A 54 -10.23 6.10 12.37
N ILE A 55 -9.36 5.12 12.53
CA ILE A 55 -9.85 3.80 12.86
C ILE A 55 -10.90 3.91 13.96
N ARG A 56 -10.61 4.74 14.97
CA ARG A 56 -11.58 5.01 16.04
C ARG A 56 -12.74 5.88 15.57
N ALA A 57 -12.48 6.87 14.71
CA ALA A 57 -13.53 7.67 14.09
C ALA A 57 -14.58 6.87 13.29
N MET A 58 -14.18 5.72 12.75
CA MET A 58 -15.11 4.86 12.02
C MET A 58 -15.79 3.90 12.98
N GLY A 59 -15.50 4.02 14.26
CA GLY A 59 -16.12 3.17 15.29
C GLY A 59 -15.42 1.87 15.57
N PHE A 60 -14.12 1.81 15.31
CA PHE A 60 -13.36 0.58 15.54
C PHE A 60 -12.32 0.78 16.69
N LYS A 61 -11.96 -0.29 17.40
CA LYS A 61 -10.87 -0.25 18.41
C LYS A 61 -9.50 -0.64 17.81
N LEU A 62 -8.42 -0.06 18.33
CA LEU A 62 -7.04 -0.40 17.88
C LEU A 62 -6.59 -1.78 18.31
N SER A 63 -7.04 -2.20 19.49
CA SER A 63 -6.75 -3.54 19.97
C SER A 63 -7.28 -4.63 19.07
N ASP A 64 -8.30 -4.32 18.25
CA ASP A 64 -8.87 -5.29 17.31
C ASP A 64 -8.07 -5.40 16.01
N VAL A 65 -7.14 -4.47 15.78
CA VAL A 65 -6.24 -4.54 14.64
C VAL A 65 -5.13 -5.58 14.89
N LYS A 66 -5.13 -6.64 14.10
CA LYS A 66 -4.26 -7.78 14.37
C LYS A 66 -3.06 -7.85 13.43
N TYR A 67 -3.22 -7.38 12.19
CA TYR A 67 -2.12 -7.37 11.26
C TYR A 67 -2.05 -6.00 10.60
N ILE A 68 -0.82 -5.52 10.43
CA ILE A 68 -0.50 -4.38 9.59
C ILE A 68 0.29 -4.90 8.38
N LEU A 69 -0.26 -4.70 7.19
CA LEU A 69 0.39 -5.09 5.94
C LEU A 69 1.17 -3.92 5.38
N SER A 70 2.41 -4.16 4.98
CA SER A 70 3.18 -3.12 4.29
C SER A 70 3.21 -3.35 2.78
N THR A 71 3.05 -2.29 1.99
CA THR A 71 3.28 -2.36 0.54
C THR A 71 4.79 -2.32 0.30
N HIS A 72 5.41 -1.19 0.64
CA HIS A 72 6.88 -1.10 0.65
C HIS A 72 7.47 -0.11 1.66
N SER A 73 8.79 -0.19 1.83
CA SER A 73 9.46 0.32 3.05
C SER A 73 10.14 1.64 2.79
N HIS A 74 9.41 2.57 2.17
CA HIS A 74 9.78 3.97 2.20
C HIS A 74 8.99 4.68 3.28
N GLU A 75 9.59 5.74 3.81
CA GLU A 75 9.11 6.44 5.00
C GLU A 75 7.63 6.85 4.93
N ASP A 76 7.22 7.32 3.76
CA ASP A 76 5.88 7.84 3.56
C ASP A 76 4.73 6.80 3.64
N HIS A 77 5.06 5.50 3.55
CA HIS A 77 4.05 4.43 3.74
C HIS A 77 4.29 3.66 5.01
N ALA A 78 5.55 3.59 5.45
CA ALA A 78 5.97 2.69 6.49
C ALA A 78 6.45 3.42 7.76
N GLY A 79 6.59 4.75 7.69
CA GLY A 79 7.03 5.55 8.84
C GLY A 79 6.14 5.42 10.07
N GLY A 80 4.82 5.32 9.84
CA GLY A 80 3.82 5.21 10.90
C GLY A 80 3.60 3.81 11.40
N ILE A 81 4.07 2.83 10.64
CA ILE A 81 3.81 1.44 10.95
C ILE A 81 4.27 1.11 12.38
N SER A 82 5.39 1.69 12.82
CA SER A 82 5.96 1.34 14.11
C SER A 82 5.01 1.64 15.30
N ALA A 83 4.49 2.86 15.31
CA ALA A 83 3.55 3.32 16.34
C ALA A 83 2.22 2.55 16.34
N MET A 84 1.72 2.25 15.15
CA MET A 84 0.47 1.52 14.97
C MET A 84 0.65 0.12 15.49
N GLN A 85 1.87 -0.38 15.31
CA GLN A 85 2.23 -1.68 15.87
C GLN A 85 2.13 -1.57 17.40
N LYS A 86 2.71 -0.51 17.94
CA LYS A 86 2.73 -0.31 19.40
C LYS A 86 1.32 -0.12 19.95
N LEU A 87 0.55 0.79 19.34
CA LEU A 87 -0.85 1.05 19.72
C LEU A 87 -1.79 -0.15 19.53
N THR A 88 -1.62 -0.86 18.42
CA THR A 88 -2.49 -1.99 18.13
C THR A 88 -2.00 -3.26 18.82
N GLY A 89 -0.68 -3.44 18.86
CA GLY A 89 -0.12 -4.76 19.19
C GLY A 89 -0.07 -5.72 18.02
N ALA A 90 -0.28 -5.19 16.81
CA ALA A 90 -0.39 -5.99 15.60
C ALA A 90 0.97 -6.59 15.19
N THR A 91 0.93 -7.73 14.51
CA THR A 91 2.06 -8.21 13.72
C THR A 91 2.13 -7.51 12.39
N VAL A 92 3.34 -7.13 12.00
CA VAL A 92 3.56 -6.48 10.74
C VAL A 92 4.04 -7.45 9.67
N LEU A 93 3.36 -7.45 8.52
CA LEU A 93 3.66 -8.35 7.42
C LEU A 93 4.23 -7.62 6.21
N ALA A 94 5.29 -8.19 5.61
CA ALA A 94 6.02 -7.54 4.54
C ALA A 94 6.81 -8.56 3.68
N GLY A 95 7.03 -8.23 2.42
CA GLY A 95 7.95 -8.98 1.57
C GLY A 95 9.28 -9.19 2.27
N ALA A 96 9.79 -10.42 2.18
CA ALA A 96 11.07 -10.79 2.77
C ALA A 96 12.13 -9.69 2.64
N ALA A 97 12.29 -9.14 1.45
CA ALA A 97 13.39 -8.22 1.18
C ALA A 97 13.25 -6.84 1.86
N ASN A 98 12.05 -6.51 2.32
CA ASN A 98 11.84 -5.25 3.04
C ASN A 98 11.73 -5.45 4.58
N VAL A 99 11.77 -6.69 5.06
CA VAL A 99 11.54 -6.96 6.48
C VAL A 99 12.57 -6.26 7.36
N ASP A 100 13.84 -6.32 6.98
CA ASP A 100 14.89 -5.68 7.78
C ASP A 100 14.70 -4.19 7.80
N THR A 101 14.37 -3.58 6.66
CA THR A 101 14.09 -2.16 6.64
C THR A 101 12.94 -1.75 7.56
N LEU A 102 11.93 -2.60 7.73
CA LEU A 102 10.85 -2.27 8.65
C LEU A 102 11.33 -2.49 10.08
N ARG A 103 12.11 -3.53 10.30
CA ARG A 103 12.63 -3.82 11.63
C ARG A 103 13.54 -2.70 12.12
N THR A 104 14.30 -2.08 11.22
CA THR A 104 15.41 -1.21 11.63
C THR A 104 15.10 0.25 11.37
N GLY A 105 14.30 0.49 10.34
CA GLY A 105 14.01 1.85 9.91
C GLY A 105 14.91 2.34 8.81
N VAL A 106 15.91 1.55 8.44
CA VAL A 106 16.93 2.04 7.53
C VAL A 106 17.04 1.19 6.27
N SER A 107 16.95 1.86 5.14
CA SER A 107 16.91 1.21 3.84
C SER A 107 18.24 0.53 3.51
N PRO A 108 18.19 -0.59 2.76
CA PRO A 108 19.43 -1.19 2.25
C PRO A 108 19.99 -0.36 1.10
N LYS A 109 21.28 -0.51 0.85
CA LYS A 109 21.96 0.23 -0.22
C LYS A 109 21.33 -0.06 -1.59
N SER A 110 20.76 -1.26 -1.72
CA SER A 110 20.05 -1.71 -2.93
C SER A 110 18.76 -0.95 -3.26
N ASP A 111 18.21 -0.21 -2.30
CA ASP A 111 17.01 0.59 -2.52
C ASP A 111 17.32 1.79 -3.43
N PRO A 112 16.50 2.00 -4.46
CA PRO A 112 16.83 3.16 -5.27
C PRO A 112 16.83 4.49 -4.49
N GLN A 113 16.05 4.58 -3.41
CA GLN A 113 15.99 5.82 -2.62
C GLN A 113 16.73 5.72 -1.29
N PHE A 114 17.66 4.76 -1.18
CA PHE A 114 18.75 4.84 -0.22
C PHE A 114 19.29 6.26 -0.18
N GLY A 115 19.45 6.80 1.02
CA GLY A 115 20.01 8.14 1.22
C GLY A 115 19.01 9.25 0.96
N SER A 116 18.47 9.30 -0.25
CA SER A 116 17.50 10.33 -0.65
C SER A 116 16.29 10.38 0.27
N LEU A 117 15.75 9.22 0.61
CA LEU A 117 14.82 9.08 1.73
C LEU A 117 15.58 8.83 3.03
N SER A 118 15.61 9.85 3.88
CA SER A 118 16.04 9.69 5.26
C SER A 118 15.25 8.54 5.90
N ASN A 119 15.74 8.06 7.03
CA ASN A 119 15.26 6.82 7.62
C ASN A 119 13.92 7.04 8.32
N PHE A 120 13.46 6.04 9.08
CA PHE A 120 12.22 6.16 9.84
C PHE A 120 12.23 5.21 11.02
N PRO A 121 11.22 5.29 11.91
CA PRO A 121 11.30 4.45 13.11
C PRO A 121 11.15 2.95 12.85
N GLY A 122 12.17 2.19 13.23
CA GLY A 122 12.11 0.74 13.19
C GLY A 122 10.94 0.22 13.99
N SER A 123 10.49 -0.98 13.66
CA SER A 123 9.17 -1.46 14.09
C SER A 123 9.33 -2.84 14.72
N ALA A 124 8.58 -3.08 15.79
CA ALA A 124 8.56 -4.39 16.43
C ALA A 124 7.62 -5.33 15.68
N LYS A 125 7.78 -6.64 15.91
CA LYS A 125 6.85 -7.68 15.44
C LYS A 125 6.68 -7.74 13.91
N VAL A 126 7.77 -7.67 13.15
CA VAL A 126 7.72 -7.77 11.69
C VAL A 126 8.07 -9.19 11.22
N ARG A 127 7.24 -9.76 10.34
CA ARG A 127 7.57 -11.01 9.68
C ARG A 127 7.32 -10.97 8.16
N ALA A 128 8.03 -11.83 7.41
CA ALA A 128 7.92 -11.85 5.97
C ALA A 128 6.70 -12.65 5.50
N VAL A 129 6.16 -12.23 4.36
CA VAL A 129 5.24 -13.05 3.58
C VAL A 129 5.89 -13.40 2.25
N ALA A 130 5.46 -14.54 1.70
CA ALA A 130 5.93 -15.03 0.41
C ALA A 130 4.97 -14.62 -0.69
N ASP A 131 5.46 -14.60 -1.91
CA ASP A 131 4.59 -14.40 -3.04
C ASP A 131 3.48 -15.46 -3.01
N GLY A 132 2.24 -15.00 -3.04
CA GLY A 132 1.07 -15.88 -3.13
C GLY A 132 0.41 -16.22 -1.79
N GLU A 133 1.08 -15.84 -0.70
CA GLU A 133 0.66 -16.25 0.62
C GLU A 133 -0.66 -15.60 0.98
N LEU A 134 -1.54 -16.40 1.57
CA LEU A 134 -2.86 -15.97 1.99
C LEU A 134 -2.82 -15.70 3.48
N VAL A 135 -3.09 -14.46 3.87
CA VAL A 135 -3.25 -14.07 5.27
C VAL A 135 -4.72 -14.14 5.68
N LYS A 136 -5.02 -14.97 6.68
CA LYS A 136 -6.36 -15.12 7.20
C LYS A 136 -6.49 -14.53 8.61
N LEU A 137 -7.63 -13.88 8.83
CA LEU A 137 -8.02 -13.35 10.14
C LEU A 137 -9.55 -13.40 10.25
N GLY A 138 -10.03 -14.41 10.98
CA GLY A 138 -11.45 -14.70 11.02
C GLY A 138 -12.00 -14.82 9.61
N PRO A 139 -12.92 -13.95 9.23
CA PRO A 139 -13.50 -14.15 7.89
C PRO A 139 -12.71 -13.41 6.79
N LEU A 140 -11.61 -12.76 7.17
CA LEU A 140 -10.77 -12.01 6.21
C LEU A 140 -9.74 -12.90 5.53
N ALA A 141 -9.49 -12.65 4.24
CA ALA A 141 -8.46 -13.34 3.50
C ALA A 141 -7.79 -12.40 2.51
N VAL A 142 -6.52 -12.08 2.80
CA VAL A 142 -5.74 -11.14 2.00
C VAL A 142 -4.57 -11.91 1.38
N LYS A 143 -4.40 -11.75 0.08
CA LYS A 143 -3.35 -12.42 -0.67
C LYS A 143 -2.23 -11.43 -1.00
N ALA A 144 -1.02 -11.82 -0.61
CA ALA A 144 0.19 -11.16 -1.07
C ALA A 144 0.56 -11.52 -2.51
N HIS A 145 0.91 -10.48 -3.25
CA HIS A 145 1.50 -10.60 -4.59
C HIS A 145 2.82 -9.83 -4.59
N ALA A 146 3.93 -10.52 -4.88
CA ALA A 146 5.23 -9.82 -5.05
C ALA A 146 5.19 -8.89 -6.25
N THR A 147 5.44 -7.61 -5.99
CA THR A 147 5.51 -6.64 -7.06
C THR A 147 6.76 -5.81 -6.82
N PRO A 148 7.94 -6.43 -7.00
CA PRO A 148 9.16 -5.66 -6.72
C PRO A 148 9.57 -4.75 -7.88
N GLY A 149 10.64 -4.00 -7.64
CA GLY A 149 11.12 -3.01 -8.60
C GLY A 149 11.41 -1.66 -7.97
N HIS A 150 10.36 -1.03 -7.44
CA HIS A 150 10.44 0.26 -6.76
C HIS A 150 11.19 0.01 -5.45
N THR A 151 10.89 -1.14 -4.84
CA THR A 151 11.69 -1.71 -3.76
C THR A 151 11.77 -3.21 -4.04
N GLU A 152 12.73 -3.88 -3.41
CA GLU A 152 12.96 -5.31 -3.63
C GLU A 152 11.85 -6.14 -2.97
N GLY A 153 11.33 -5.64 -1.85
CA GLY A 153 10.33 -6.38 -1.10
C GLY A 153 8.89 -5.92 -1.27
N GLY A 154 8.59 -5.22 -2.35
CA GLY A 154 7.29 -4.60 -2.55
C GLY A 154 6.19 -5.63 -2.68
N ILE A 155 5.06 -5.37 -2.05
CA ILE A 155 3.89 -6.28 -2.11
C ILE A 155 2.61 -5.51 -2.49
N THR A 156 1.89 -6.06 -3.46
CA THR A 156 0.51 -5.67 -3.72
C THR A 156 -0.48 -6.68 -3.08
N TRP A 157 -1.48 -6.14 -2.38
CA TRP A 157 -2.35 -6.92 -1.50
C TRP A 157 -3.77 -6.94 -2.09
N THR A 158 -4.40 -8.13 -2.09
CA THR A 158 -5.74 -8.30 -2.66
C THR A 158 -6.69 -9.04 -1.72
N TRP A 159 -7.98 -8.80 -1.95
CA TRP A 159 -9.05 -9.40 -1.15
C TRP A 159 -10.40 -9.08 -1.79
N GLN A 160 -11.48 -9.49 -1.12
CA GLN A 160 -12.81 -9.32 -1.61
C GLN A 160 -13.66 -8.65 -0.53
N SER A 161 -14.48 -7.67 -0.94
CA SER A 161 -15.48 -7.09 -0.07
C SER A 161 -16.81 -7.09 -0.79
N CYS A 162 -17.91 -7.08 -0.02
CA CYS A 162 -19.26 -7.30 -0.57
C CYS A 162 -20.22 -6.20 -0.09
N GLU A 163 -21.01 -5.62 -0.99
CA GLU A 163 -22.12 -4.70 -0.63
C GLU A 163 -23.39 -5.24 -1.19
N GLN A 164 -24.41 -5.36 -0.35
CA GLN A 164 -25.72 -5.87 -0.77
C GLN A 164 -25.56 -7.12 -1.61
N GLY A 165 -24.67 -8.01 -1.19
CA GLY A 165 -24.46 -9.27 -1.91
C GLY A 165 -23.60 -9.25 -3.17
N LYS A 166 -23.16 -8.05 -3.59
CA LYS A 166 -22.25 -7.92 -4.73
C LYS A 166 -20.83 -7.87 -4.22
N CYS A 167 -20.06 -8.92 -4.53
CA CYS A 167 -18.69 -9.04 -4.04
C CYS A 167 -17.71 -8.60 -5.14
N LYS A 168 -16.76 -7.75 -4.76
CA LYS A 168 -15.75 -7.17 -5.67
C LYS A 168 -14.31 -7.47 -5.24
N ASP A 169 -13.44 -7.63 -6.23
CA ASP A 169 -12.01 -7.85 -5.99
C ASP A 169 -11.34 -6.50 -5.85
N VAL A 170 -10.74 -6.33 -4.69
CA VAL A 170 -10.11 -5.09 -4.26
C VAL A 170 -8.60 -5.31 -4.28
N VAL A 171 -7.86 -4.32 -4.78
CA VAL A 171 -6.41 -4.39 -4.96
C VAL A 171 -5.80 -3.13 -4.34
N PHE A 172 -4.97 -3.29 -3.31
CA PHE A 172 -4.18 -2.17 -2.81
C PHE A 172 -2.83 -2.23 -3.50
N ALA A 173 -2.66 -1.35 -4.48
CA ALA A 173 -1.57 -1.46 -5.45
C ALA A 173 -0.34 -0.75 -4.92
N ASP A 174 0.76 -1.48 -4.83
CA ASP A 174 2.06 -0.92 -4.48
C ASP A 174 2.51 0.01 -5.59
N SER A 175 3.46 0.91 -5.28
CA SER A 175 4.04 1.80 -6.28
C SER A 175 4.86 1.00 -7.26
N LEU A 176 4.70 1.33 -8.54
CA LEU A 176 5.43 0.70 -9.64
C LEU A 176 6.32 1.73 -10.37
N THR A 177 6.72 2.76 -9.65
CA THR A 177 7.43 3.90 -10.23
C THR A 177 8.96 3.73 -10.15
N ALA A 178 9.61 3.83 -11.31
CA ALA A 178 11.06 3.99 -11.39
C ALA A 178 11.51 5.36 -10.88
N VAL A 179 11.74 5.46 -9.58
CA VAL A 179 12.30 6.68 -9.03
C VAL A 179 13.29 6.30 -7.97
N SER A 180 14.23 7.20 -7.70
CA SER A 180 15.42 6.86 -6.93
C SER A 180 16.07 8.10 -6.34
N ALA A 181 17.21 7.94 -5.70
CA ALA A 181 18.08 9.07 -5.40
C ALA A 181 18.69 9.59 -6.70
N ASP A 182 19.14 10.84 -6.67
CA ASP A 182 19.89 11.44 -7.79
C ASP A 182 21.15 10.64 -8.16
N SER A 183 21.78 10.04 -7.15
CA SER A 183 23.01 9.26 -7.34
C SER A 183 22.71 7.79 -7.66
N TYR A 184 21.59 7.53 -8.33
CA TYR A 184 21.21 6.15 -8.61
C TYR A 184 20.69 6.03 -10.02
N ARG A 185 21.14 4.99 -10.73
CA ARG A 185 20.80 4.78 -12.12
C ARG A 185 20.16 3.39 -12.29
N PHE A 186 18.93 3.35 -12.80
CA PHE A 186 18.28 2.07 -13.09
C PHE A 186 19.04 1.31 -14.17
N SER A 187 19.75 2.05 -15.02
CA SER A 187 20.54 1.48 -16.11
C SER A 187 21.63 0.51 -15.67
N ASP A 188 22.13 0.70 -14.45
CA ASP A 188 23.22 -0.12 -13.90
C ASP A 188 22.68 -1.24 -13.03
N HIS A 189 21.38 -1.49 -13.11
CA HIS A 189 20.70 -2.46 -12.26
C HIS A 189 19.62 -3.16 -13.08
N PRO A 190 20.03 -4.05 -14.00
CA PRO A 190 19.11 -4.62 -14.96
C PRO A 190 18.16 -5.68 -14.36
N GLU A 191 18.55 -6.28 -13.24
CA GLU A 191 17.64 -7.20 -12.53
C GLU A 191 16.54 -6.43 -11.79
N VAL A 192 16.85 -5.20 -11.37
CA VAL A 192 15.84 -4.29 -10.83
C VAL A 192 14.82 -3.92 -11.91
N VAL A 193 15.33 -3.63 -13.10
CA VAL A 193 14.51 -3.34 -14.24
C VAL A 193 13.62 -4.51 -14.64
N ALA A 194 14.20 -5.71 -14.77
CA ALA A 194 13.40 -6.92 -15.04
C ALA A 194 12.25 -7.13 -14.00
N SER A 195 12.50 -6.76 -12.74
CA SER A 195 11.52 -6.92 -11.67
C SER A 195 10.36 -6.01 -11.85
N LEU A 196 10.67 -4.76 -12.17
CA LEU A 196 9.65 -3.77 -12.52
C LEU A 196 8.80 -4.26 -13.67
N ARG A 197 9.44 -4.82 -14.69
CA ARG A 197 8.71 -5.34 -15.83
C ARG A 197 7.80 -6.51 -15.44
N GLY A 198 8.34 -7.47 -14.69
CA GLY A 198 7.55 -8.56 -14.10
C GLY A 198 6.32 -8.08 -13.35
N SER A 199 6.47 -6.96 -12.67
CA SER A 199 5.45 -6.41 -11.79
C SER A 199 4.33 -5.72 -12.54
N PHE A 200 4.66 -4.97 -13.60
CA PHE A 200 3.65 -4.44 -14.50
C PHE A 200 2.72 -5.55 -14.97
N GLU A 201 3.32 -6.68 -15.36
CA GLU A 201 2.58 -7.80 -15.90
C GLU A 201 1.67 -8.39 -14.85
N ALA A 202 2.21 -8.57 -13.65
CA ALA A 202 1.48 -9.18 -12.57
C ALA A 202 0.28 -8.30 -12.20
N VAL A 203 0.52 -7.02 -12.05
CA VAL A 203 -0.55 -6.07 -11.76
C VAL A 203 -1.63 -5.95 -12.85
N GLU A 204 -1.26 -5.94 -14.13
CA GLU A 204 -2.27 -5.76 -15.18
C GLU A 204 -3.07 -7.04 -15.40
N LYS A 205 -2.57 -8.16 -14.87
CA LYS A 205 -3.30 -9.43 -14.85
C LYS A 205 -4.17 -9.72 -13.60
N LEU A 206 -4.02 -8.96 -12.51
CA LEU A 206 -4.84 -9.22 -11.31
C LEU A 206 -6.33 -9.04 -11.63
N SER A 207 -7.20 -9.77 -10.93
CA SER A 207 -8.63 -9.40 -10.90
C SER A 207 -8.79 -8.14 -10.06
N CYS A 208 -9.41 -7.11 -10.63
CA CYS A 208 -9.20 -5.78 -10.13
C CYS A 208 -10.43 -4.91 -10.34
N ASP A 209 -11.41 -5.04 -9.46
CA ASP A 209 -12.64 -4.28 -9.58
C ASP A 209 -12.38 -2.89 -9.01
N ILE A 210 -11.66 -2.85 -7.89
CA ILE A 210 -11.43 -1.61 -7.16
C ILE A 210 -9.94 -1.55 -6.86
N ALA A 211 -9.25 -0.55 -7.41
CA ALA A 211 -7.87 -0.34 -7.04
C ALA A 211 -7.72 0.87 -6.11
N ILE A 212 -6.98 0.68 -5.03
CA ILE A 212 -6.54 1.75 -4.14
C ILE A 212 -5.01 1.81 -4.25
N ALA A 213 -4.51 2.85 -4.94
CA ALA A 213 -3.07 3.02 -5.09
C ALA A 213 -2.45 3.60 -3.84
N ALA A 214 -1.22 3.19 -3.54
CA ALA A 214 -0.54 3.63 -2.32
C ALA A 214 -0.53 5.16 -2.28
N HIS A 215 -0.15 5.77 -3.40
CA HIS A 215 -0.49 7.17 -3.67
C HIS A 215 -1.89 7.29 -4.32
N PRO A 216 -2.85 7.83 -3.55
CA PRO A 216 -4.27 7.63 -3.84
C PRO A 216 -4.73 8.32 -5.09
N GLU A 217 -4.05 9.39 -5.50
CA GLU A 217 -4.38 10.04 -6.77
C GLU A 217 -4.00 9.21 -8.00
N VAL A 218 -3.17 8.19 -7.83
CA VAL A 218 -2.73 7.38 -8.96
C VAL A 218 -3.89 6.58 -9.55
N ASN A 219 -4.95 6.35 -8.76
CA ASN A 219 -6.28 5.97 -9.29
C ASN A 219 -7.44 6.90 -8.88
N ASP A 220 -7.17 8.21 -8.84
CA ASP A 220 -8.22 9.23 -8.81
C ASP A 220 -9.08 9.20 -7.52
N MET A 221 -8.47 8.83 -6.39
CA MET A 221 -9.24 8.60 -5.17
C MET A 221 -10.18 9.75 -4.85
N TRP A 222 -9.68 10.98 -4.95
CA TRP A 222 -10.39 12.13 -4.35
C TRP A 222 -11.46 12.62 -5.29
N THR A 223 -11.22 12.36 -6.58
CA THR A 223 -12.22 12.49 -7.62
C THR A 223 -13.31 11.46 -7.46
N ARG A 224 -12.90 10.20 -7.31
CA ARG A 224 -13.89 9.14 -7.10
C ARG A 224 -14.74 9.40 -5.88
N GLN A 225 -14.13 9.92 -4.81
CA GLN A 225 -14.84 10.18 -3.56
C GLN A 225 -15.90 11.28 -3.72
N GLN A 226 -15.52 12.31 -4.46
CA GLN A 226 -16.44 13.35 -4.91
C GLN A 226 -17.65 12.78 -5.68
N ARG A 227 -17.38 11.97 -6.69
CA ARG A 227 -18.45 11.33 -7.47
C ARG A 227 -19.28 10.34 -6.63
N ALA A 228 -18.69 9.79 -5.56
CA ALA A 228 -19.36 8.78 -4.74
C ALA A 228 -20.44 9.38 -3.84
N ALA A 229 -20.32 10.67 -3.53
CA ALA A 229 -21.41 11.38 -2.87
C ALA A 229 -22.72 11.23 -3.66
N LYS A 230 -22.60 11.21 -4.99
CA LYS A 230 -23.74 11.05 -5.89
C LYS A 230 -24.06 9.57 -6.11
N GLU A 231 -23.12 8.83 -6.66
CA GLU A 231 -23.40 7.53 -7.25
C GLU A 231 -23.19 6.37 -6.28
N GLY A 232 -22.87 6.68 -5.02
CA GLY A 232 -22.49 5.65 -4.06
C GLY A 232 -21.14 5.07 -4.44
N ASN A 233 -20.84 3.88 -3.89
CA ASN A 233 -19.48 3.36 -3.92
C ASN A 233 -19.13 2.68 -5.24
N SER A 234 -20.13 2.54 -6.10
CA SER A 234 -19.92 2.39 -7.54
C SER A 234 -18.77 3.24 -8.09
N ALA A 235 -18.71 4.49 -7.66
CA ALA A 235 -17.72 5.47 -8.14
C ALA A 235 -16.25 4.99 -8.01
N TYR A 236 -16.00 4.09 -7.06
CA TYR A 236 -14.66 3.57 -6.82
C TYR A 236 -14.37 2.35 -7.69
N VAL A 237 -15.42 1.75 -8.23
CA VAL A 237 -15.34 0.54 -9.03
C VAL A 237 -14.94 0.90 -10.47
N ASP A 238 -13.88 0.27 -10.96
CA ASP A 238 -13.33 0.49 -12.32
C ASP A 238 -12.28 -0.58 -12.57
N ASN A 239 -12.67 -1.58 -13.33
CA ASN A 239 -11.88 -2.79 -13.47
C ASN A 239 -10.80 -2.67 -14.52
N GLY A 240 -10.69 -1.48 -15.13
CA GLY A 240 -9.52 -1.15 -15.92
C GLY A 240 -8.40 -0.52 -15.08
N ALA A 241 -8.63 -0.37 -13.79
CA ALA A 241 -7.79 0.49 -12.95
C ALA A 241 -6.36 -0.02 -12.75
N CYS A 242 -6.23 -1.32 -12.46
CA CYS A 242 -4.90 -1.92 -12.29
C CYS A 242 -4.13 -1.92 -13.59
N ARG A 243 -4.82 -2.26 -14.68
CA ARG A 243 -4.25 -2.06 -16.01
C ARG A 243 -3.73 -0.63 -16.24
N ALA A 244 -4.50 0.37 -15.86
CA ALA A 244 -4.07 1.76 -16.00
C ALA A 244 -2.82 2.00 -15.19
N ILE A 245 -2.81 1.49 -13.97
CA ILE A 245 -1.71 1.72 -13.09
C ILE A 245 -0.45 1.12 -13.71
N ALA A 246 -0.55 -0.11 -14.21
CA ALA A 246 0.63 -0.80 -14.73
C ALA A 246 1.24 -0.02 -15.89
N ALA A 247 0.39 0.49 -16.77
CA ALA A 247 0.83 1.22 -17.97
C ALA A 247 1.54 2.53 -17.62
N ALA A 248 1.04 3.26 -16.62
CA ALA A 248 1.72 4.48 -16.15
C ALA A 248 3.09 4.16 -15.54
N GLY A 249 3.19 3.01 -14.88
CA GLY A 249 4.46 2.52 -14.37
C GLY A 249 5.40 2.20 -15.51
N ARG A 250 4.87 1.53 -16.52
CA ARG A 250 5.69 1.10 -17.67
C ARG A 250 6.13 2.29 -18.53
N LYS A 251 5.25 3.27 -18.70
CA LYS A 251 5.63 4.51 -19.38
C LYS A 251 6.72 5.21 -18.57
N ARG A 252 6.55 5.23 -17.26
CA ARG A 252 7.47 5.92 -16.39
C ARG A 252 8.87 5.31 -16.43
N LEU A 253 8.96 4.00 -16.66
CA LEU A 253 10.25 3.34 -16.85
C LEU A 253 10.90 3.70 -18.20
N GLU A 254 10.09 3.95 -19.22
CA GLU A 254 10.64 4.41 -20.51
C GLU A 254 11.24 5.79 -20.32
N THR A 255 10.39 6.71 -19.87
CA THR A 255 10.79 8.07 -19.56
C THR A 255 12.08 8.15 -18.72
N ARG A 256 12.21 7.29 -17.71
CA ARG A 256 13.36 7.32 -16.79
C ARG A 256 14.65 6.79 -17.43
N LEU A 257 14.56 5.67 -18.16
CA LEU A 257 15.73 5.08 -18.81
C LEU A 257 16.24 5.99 -19.94
N ALA A 258 15.32 6.64 -20.64
CA ALA A 258 15.67 7.79 -21.47
C ALA A 258 16.51 8.82 -20.70
N SER A 259 15.89 9.58 -19.80
CA SER A 259 16.62 10.50 -18.92
C SER A 259 18.08 10.11 -18.71
N GLU A 260 18.30 8.84 -18.36
CA GLU A 260 19.62 8.37 -17.93
C GLU A 260 20.68 8.36 -19.03
N LYS A 261 20.29 8.07 -20.26
CA LYS A 261 21.24 7.99 -21.36
C LYS A 261 21.82 9.36 -21.65
#